data_5TMU
#
_entry.id   5TMU
#
_cell.length_a   54.182
_cell.length_b   81.900
_cell.length_c   58.182
_cell.angle_alpha   90.000
_cell.angle_beta   110.800
_cell.angle_gamma   90.000
#
_symmetry.space_group_name_H-M   'P 1 21 1'
#
loop_
_entity.id
_entity.type
_entity.pdbx_description
1 polymer 'Estrogen receptor'
2 polymer 'Nuclear receptor coactivator 2'
3 non-polymer "4,4'-(cycloheptylidenemethylene)diphenol"
4 water water
#
loop_
_entity_poly.entity_id
_entity_poly.type
_entity_poly.pdbx_seq_one_letter_code
_entity_poly.pdbx_strand_id
1 'polypeptide(L)'
;IKRSKKNSLALSLTADQMVSALLDAEPPILYSEYDPTRPFSEASMMGLLTNLADRELVHMINWAKRVPGFVDLTLHDQVH
LLECAWLEILMIGLVWRSMEHPGKLLFAPNLLLDRNQGKCVEGMVEIFDMLLATSSRFRMMNLQGEEFVCLKSIILLNSG
VYTFLSSTLKSLEEKDHIHRVLDKITDTLIHLMAKAGLTLQQQHQRLAQLLLILSHIRHMSNKGMEHLYSMKCKNVVPLS
DLLLEMLDAHRLHAPTS
;
A,B
2 'polypeptide(L)' KHKILHRLLQDSS C,D
#
# COMPACT_ATOMS: atom_id res chain seq x y z
N SER A 8 -23.96 -13.27 12.26
CA SER A 8 -22.51 -13.19 12.41
C SER A 8 -22.13 -12.76 13.82
N LEU A 9 -21.03 -13.32 14.33
CA LEU A 9 -20.58 -13.00 15.68
C LEU A 9 -19.86 -11.65 15.73
N ALA A 10 -19.02 -11.38 14.73
CA ALA A 10 -18.12 -10.23 14.79
C ALA A 10 -18.86 -8.91 14.84
N LEU A 11 -20.06 -8.84 14.25
CA LEU A 11 -20.78 -7.57 14.18
C LEU A 11 -21.25 -7.10 15.55
N SER A 12 -21.48 -8.03 16.47
CA SER A 12 -21.99 -7.70 17.80
C SER A 12 -20.90 -7.48 18.83
N LEU A 13 -19.63 -7.57 18.44
CA LEU A 13 -18.54 -7.43 19.40
C LEU A 13 -18.42 -5.98 19.85
N THR A 14 -18.26 -5.78 21.15
CA THR A 14 -17.91 -4.48 21.67
C THR A 14 -16.45 -4.16 21.34
N ALA A 15 -16.13 -2.87 21.23
CA ALA A 15 -14.78 -2.47 20.91
C ALA A 15 -13.78 -2.98 21.94
N ASP A 16 -14.15 -2.94 23.22
CA ASP A 16 -13.29 -3.52 24.25
C ASP A 16 -13.24 -5.04 24.12
N GLN A 17 -14.36 -5.66 23.75
CA GLN A 17 -14.36 -7.10 23.49
C GLN A 17 -13.64 -7.42 22.18
N MET A 18 -13.64 -6.49 21.22
CA MET A 18 -12.87 -6.68 19.99
C MET A 18 -11.38 -6.72 20.29
N VAL A 19 -10.89 -5.81 21.13
CA VAL A 19 -9.49 -5.83 21.52
C VAL A 19 -9.15 -7.13 22.24
N SER A 20 -10.05 -7.58 23.12
CA SER A 20 -9.81 -8.82 23.86
C SER A 20 -9.67 -10.00 22.91
N ALA A 21 -10.49 -10.05 21.86
CA ALA A 21 -10.40 -11.15 20.91
C ALA A 21 -9.09 -11.11 20.14
N LEU A 22 -8.67 -9.92 19.69
CA LEU A 22 -7.44 -9.81 18.93
C LEU A 22 -6.22 -10.10 19.79
N LEU A 23 -6.21 -9.58 21.03
CA LEU A 23 -5.08 -9.81 21.92
C LEU A 23 -5.00 -11.27 22.34
N ASP A 24 -6.15 -11.91 22.56
CA ASP A 24 -6.17 -13.31 22.95
C ASP A 24 -5.67 -14.22 21.83
N ALA A 25 -5.76 -13.78 20.58
CA ALA A 25 -5.41 -14.60 19.43
C ALA A 25 -3.99 -14.37 18.94
N GLU A 26 -3.20 -13.54 19.63
CA GLU A 26 -1.88 -13.19 19.15
C GLU A 26 -1.01 -14.45 19.03
N PRO A 27 -0.31 -14.64 17.91
CA PRO A 27 0.58 -15.79 17.79
C PRO A 27 1.81 -15.63 18.65
N PRO A 28 2.47 -16.71 19.04
CA PRO A 28 3.68 -16.61 19.85
C PRO A 28 4.83 -15.99 19.07
N ILE A 29 5.92 -15.74 19.78
CA ILE A 29 7.15 -15.23 19.20
C ILE A 29 8.09 -16.42 19.08
N LEU A 30 8.14 -17.02 17.90
CA LEU A 30 8.96 -18.20 17.68
C LEU A 30 10.44 -17.86 17.73
N TYR A 31 11.24 -18.83 18.11
CA TYR A 31 12.70 -18.67 18.15
C TYR A 31 13.31 -19.14 16.83
N SER A 32 14.55 -18.69 16.60
CA SER A 32 15.30 -19.06 15.42
C SER A 32 16.29 -20.17 15.76
N GLU A 33 16.88 -20.74 14.71
CA GLU A 33 17.93 -21.74 14.83
C GLU A 33 19.32 -21.12 14.70
N TYR A 34 19.44 -19.83 15.02
CA TYR A 34 20.69 -19.11 14.81
C TYR A 34 21.74 -19.53 15.83
N ASP A 35 22.96 -19.73 15.35
CA ASP A 35 24.10 -20.06 16.20
C ASP A 35 25.08 -18.89 16.16
N PRO A 36 25.25 -18.14 17.26
CA PRO A 36 26.18 -17.00 17.23
C PRO A 36 27.62 -17.40 16.90
N THR A 37 28.01 -18.63 17.18
CA THR A 37 29.35 -19.08 16.83
C THR A 37 29.53 -19.17 15.32
N ARG A 38 28.46 -19.47 14.59
CA ARG A 38 28.54 -19.53 13.14
C ARG A 38 28.50 -18.12 12.55
N PRO A 39 29.51 -17.70 11.79
CA PRO A 39 29.41 -16.43 11.07
C PRO A 39 28.30 -16.47 10.04
N PHE A 40 27.94 -15.29 9.54
CA PHE A 40 26.80 -15.15 8.66
C PHE A 40 27.20 -15.33 7.19
N SER A 41 26.25 -15.82 6.41
CA SER A 41 26.43 -15.98 4.97
C SER A 41 25.08 -15.72 4.30
N GLU A 42 25.09 -15.64 2.97
CA GLU A 42 23.85 -15.40 2.24
C GLU A 42 22.94 -16.60 2.30
N ALA A 43 23.47 -17.78 2.00
CA ALA A 43 22.65 -19.00 2.02
C ALA A 43 22.21 -19.36 3.43
N SER A 44 23.03 -19.03 4.44
CA SER A 44 22.68 -19.38 5.80
C SER A 44 21.65 -18.42 6.39
N MET A 45 21.78 -17.12 6.12
CA MET A 45 20.86 -16.14 6.69
C MET A 45 19.46 -16.31 6.10
N MET A 46 19.36 -16.39 4.77
CA MET A 46 18.07 -16.63 4.15
C MET A 46 17.50 -17.98 4.53
N GLY A 47 18.37 -18.94 4.86
CA GLY A 47 17.88 -20.22 5.35
C GLY A 47 17.26 -20.12 6.73
N LEU A 48 17.85 -19.30 7.60
CA LEU A 48 17.27 -19.08 8.92
C LEU A 48 15.92 -18.38 8.81
N LEU A 49 15.86 -17.31 8.01
CA LEU A 49 14.62 -16.56 7.88
C LEU A 49 13.54 -17.37 7.18
N THR A 50 13.93 -18.25 6.25
CA THR A 50 12.95 -19.10 5.59
C THR A 50 12.37 -20.13 6.56
N ASN A 51 13.23 -20.76 7.36
CA ASN A 51 12.74 -21.69 8.37
C ASN A 51 11.88 -20.98 9.40
N LEU A 52 12.25 -19.73 9.76
CA LEU A 52 11.47 -18.97 10.73
C LEU A 52 10.11 -18.57 10.15
N ALA A 53 10.11 -17.97 8.96
CA ALA A 53 8.86 -17.53 8.35
C ALA A 53 7.94 -18.70 8.04
N ASP A 54 8.52 -19.87 7.72
CA ASP A 54 7.69 -21.04 7.44
C ASP A 54 6.94 -21.50 8.68
N ARG A 55 7.63 -21.57 9.82
CA ARG A 55 6.96 -21.94 11.06
C ARG A 55 6.03 -20.82 11.54
N GLU A 56 6.35 -19.57 11.21
CA GLU A 56 5.45 -18.47 11.54
C GLU A 56 4.15 -18.54 10.74
N LEU A 57 4.20 -19.08 9.53
CA LEU A 57 2.99 -19.17 8.71
C LEU A 57 1.94 -20.06 9.35
N VAL A 58 2.38 -21.16 9.98
CA VAL A 58 1.43 -22.09 10.58
C VAL A 58 0.63 -21.39 11.68
N HIS A 59 1.30 -20.59 12.51
CA HIS A 59 0.60 -19.87 13.56
C HIS A 59 -0.26 -18.74 13.00
N MET A 60 0.19 -18.10 11.91
CA MET A 60 -0.59 -17.03 11.30
C MET A 60 -1.89 -17.58 10.73
N ILE A 61 -1.84 -18.75 10.08
CA ILE A 61 -3.05 -19.36 9.52
C ILE A 61 -4.06 -19.64 10.62
N ASN A 62 -3.59 -20.16 11.76
CA ASN A 62 -4.48 -20.37 12.90
C ASN A 62 -4.82 -19.08 13.62
N TRP A 63 -3.97 -18.05 13.51
CA TRP A 63 -4.32 -16.73 14.04
C TRP A 63 -5.42 -16.09 13.22
N ALA A 64 -5.38 -16.28 11.89
CA ALA A 64 -6.39 -15.67 11.02
C ALA A 64 -7.77 -16.22 11.32
N LYS A 65 -7.87 -17.51 11.67
CA LYS A 65 -9.16 -18.09 12.01
C LYS A 65 -9.78 -17.37 13.21
N ARG A 66 -8.96 -17.00 14.19
CA ARG A 66 -9.45 -16.35 15.40
C ARG A 66 -9.67 -14.85 15.21
N VAL A 67 -9.52 -14.34 14.00
CA VAL A 67 -9.85 -12.94 13.72
C VAL A 67 -11.35 -12.83 13.51
N PRO A 68 -12.04 -11.88 14.17
CA PRO A 68 -13.49 -11.77 14.02
C PRO A 68 -13.88 -11.49 12.58
N GLY A 69 -14.86 -12.25 12.09
CA GLY A 69 -15.36 -12.11 10.75
C GLY A 69 -14.66 -12.97 9.71
N PHE A 70 -13.43 -13.42 10.00
CA PHE A 70 -12.68 -14.20 9.02
C PHE A 70 -13.30 -15.58 8.82
N VAL A 71 -13.88 -16.17 9.87
CA VAL A 71 -14.51 -17.47 9.72
C VAL A 71 -15.80 -17.37 8.93
N ASP A 72 -16.45 -16.20 8.94
CA ASP A 72 -17.68 -16.00 8.19
C ASP A 72 -17.44 -15.89 6.68
N LEU A 73 -16.21 -16.04 6.22
CA LEU A 73 -15.87 -15.93 4.82
C LEU A 73 -15.73 -17.31 4.18
N THR A 74 -15.73 -17.32 2.85
CA THR A 74 -15.58 -18.57 2.12
C THR A 74 -14.17 -19.12 2.30
N LEU A 75 -14.06 -20.45 2.22
CA LEU A 75 -12.75 -21.09 2.29
C LEU A 75 -11.85 -20.59 1.17
N HIS A 76 -12.41 -20.37 -0.03
CA HIS A 76 -11.64 -19.81 -1.12
C HIS A 76 -11.28 -18.35 -0.87
N ASP A 77 -12.15 -17.62 -0.16
CA ASP A 77 -11.83 -16.23 0.18
C ASP A 77 -10.76 -16.16 1.26
N GLN A 78 -10.77 -17.10 2.21
CA GLN A 78 -9.73 -17.14 3.22
C GLN A 78 -8.37 -17.42 2.60
N VAL A 79 -8.33 -18.29 1.60
CA VAL A 79 -7.07 -18.59 0.90
C VAL A 79 -6.55 -17.34 0.20
N HIS A 80 -7.44 -16.59 -0.44
CA HIS A 80 -7.03 -15.40 -1.19
C HIS A 80 -6.47 -14.33 -0.25
N LEU A 81 -7.15 -14.08 0.86
CA LEU A 81 -6.71 -13.02 1.77
C LEU A 81 -5.34 -13.33 2.36
N LEU A 82 -5.11 -14.57 2.78
CA LEU A 82 -3.81 -14.94 3.33
C LEU A 82 -2.72 -14.96 2.27
N GLU A 83 -3.06 -15.34 1.04
CA GLU A 83 -2.07 -15.43 -0.03
C GLU A 83 -1.47 -14.08 -0.40
N CYS A 84 -2.27 -13.01 -0.28
CA CYS A 84 -1.82 -11.69 -0.68
CA CYS A 84 -1.78 -11.68 -0.67
C CYS A 84 -1.24 -10.88 0.50
N ALA A 85 -1.61 -11.26 1.72
CA ALA A 85 -1.22 -10.47 2.88
C ALA A 85 -0.24 -11.16 3.84
N TRP A 86 0.23 -12.37 3.50
CA TRP A 86 1.01 -13.15 4.45
C TRP A 86 2.34 -12.47 4.76
N LEU A 87 3.00 -11.90 3.74
CA LEU A 87 4.28 -11.23 3.98
C LEU A 87 4.07 -9.89 4.68
N GLU A 88 2.97 -9.21 4.39
CA GLU A 88 2.64 -7.97 5.10
C GLU A 88 2.47 -8.24 6.59
N ILE A 89 1.74 -9.30 6.94
CA ILE A 89 1.50 -9.60 8.35
C ILE A 89 2.79 -10.03 9.04
N LEU A 90 3.65 -10.76 8.32
CA LEU A 90 4.95 -11.12 8.88
C LEU A 90 5.80 -9.87 9.11
N MET A 91 5.75 -8.91 8.19
CA MET A 91 6.62 -7.74 8.29
C MET A 91 6.16 -6.80 9.40
N ILE A 92 4.86 -6.58 9.53
CA ILE A 92 4.39 -5.67 10.58
C ILE A 92 4.63 -6.27 11.96
N GLY A 93 4.54 -7.60 12.09
CA GLY A 93 4.91 -8.24 13.33
C GLY A 93 6.40 -8.12 13.61
N LEU A 94 7.22 -8.28 12.57
CA LEU A 94 8.66 -8.06 12.70
C LEU A 94 8.95 -6.62 13.10
N VAL A 95 8.28 -5.66 12.45
CA VAL A 95 8.45 -4.25 12.81
C VAL A 95 7.97 -4.01 14.24
N TRP A 96 6.91 -4.70 14.65
CA TRP A 96 6.39 -4.53 16.00
C TRP A 96 7.38 -5.03 17.05
N ARG A 97 7.96 -6.21 16.82
CA ARG A 97 8.90 -6.76 17.80
C ARG A 97 10.16 -5.93 17.91
N SER A 98 10.56 -5.27 16.82
CA SER A 98 11.80 -4.50 16.78
C SER A 98 11.62 -3.06 17.20
N MET A 99 10.48 -2.70 17.80
CA MET A 99 10.19 -1.30 18.09
C MET A 99 11.17 -0.73 19.11
N GLU A 100 11.49 -1.50 20.16
CA GLU A 100 12.39 -1.04 21.21
C GLU A 100 13.82 -1.51 21.02
N HIS A 101 14.23 -1.73 19.76
CA HIS A 101 15.59 -2.11 19.42
C HIS A 101 16.00 -1.28 18.21
N PRO A 102 16.37 -0.01 18.44
CA PRO A 102 16.70 0.87 17.30
C PRO A 102 17.89 0.34 16.51
N GLY A 103 17.80 0.49 15.18
CA GLY A 103 18.81 -0.02 14.30
C GLY A 103 18.87 -1.53 14.19
N LYS A 104 17.98 -2.25 14.86
CA LYS A 104 17.97 -3.70 14.87
C LYS A 104 16.60 -4.22 14.47
N LEU A 105 16.60 -5.36 13.79
CA LEU A 105 15.38 -6.09 13.45
C LEU A 105 15.35 -7.38 14.25
N LEU A 106 14.33 -7.52 15.09
CA LEU A 106 14.20 -8.68 15.97
C LEU A 106 13.35 -9.74 15.27
N PHE A 107 13.99 -10.49 14.38
CA PHE A 107 13.31 -11.62 13.74
C PHE A 107 12.94 -12.68 14.78
N ALA A 108 13.74 -12.80 15.84
CA ALA A 108 13.47 -13.71 16.94
C ALA A 108 14.20 -13.18 18.16
N PRO A 109 13.80 -13.61 19.37
CA PRO A 109 14.53 -13.18 20.57
C PRO A 109 16.01 -13.54 20.54
N ASN A 110 16.40 -14.53 19.75
CA ASN A 110 17.80 -14.92 19.60
C ASN A 110 18.34 -14.59 18.21
N LEU A 111 17.80 -13.55 17.59
CA LEU A 111 18.23 -13.16 16.23
C LEU A 111 17.96 -11.67 16.06
N LEU A 112 18.96 -10.86 16.39
CA LEU A 112 18.90 -9.40 16.23
C LEU A 112 19.84 -9.00 15.10
N LEU A 113 19.26 -8.47 14.02
CA LEU A 113 20.00 -8.12 12.82
C LEU A 113 19.97 -6.62 12.59
N ASP A 114 21.13 -6.06 12.24
CA ASP A 114 21.24 -4.65 11.86
C ASP A 114 21.48 -4.56 10.36
N ARG A 115 21.91 -3.38 9.90
CA ARG A 115 22.09 -3.16 8.47
C ARG A 115 23.26 -3.96 7.91
N ASN A 116 24.27 -4.25 8.73
CA ASN A 116 25.42 -5.00 8.26
C ASN A 116 25.04 -6.44 7.90
N GLN A 117 24.14 -7.04 8.67
CA GLN A 117 23.71 -8.40 8.36
C GLN A 117 22.81 -8.42 7.12
N GLY A 118 22.00 -7.38 6.94
CA GLY A 118 21.14 -7.33 5.77
C GLY A 118 21.89 -7.33 4.46
N LYS A 119 23.13 -6.82 4.47
CA LYS A 119 23.95 -6.81 3.26
C LYS A 119 24.49 -8.17 2.90
N CYS A 120 24.43 -9.15 3.81
CA CYS A 120 24.88 -10.50 3.47
C CYS A 120 24.06 -11.11 2.34
N VAL A 121 22.86 -10.61 2.10
CA VAL A 121 22.01 -11.04 0.99
C VAL A 121 21.91 -9.88 0.01
N GLU A 122 22.09 -10.18 -1.27
CA GLU A 122 22.12 -9.14 -2.29
C GLU A 122 20.75 -8.49 -2.42
N GLY A 123 20.72 -7.16 -2.27
CA GLY A 123 19.50 -6.40 -2.42
C GLY A 123 18.59 -6.36 -1.21
N MET A 124 18.84 -7.20 -0.21
CA MET A 124 17.96 -7.23 0.98
C MET A 124 18.20 -6.03 1.89
N VAL A 125 19.34 -5.35 1.74
CA VAL A 125 19.65 -4.21 2.62
C VAL A 125 18.65 -3.09 2.40
N GLU A 126 18.19 -2.90 1.16
CA GLU A 126 17.21 -1.85 0.89
C GLU A 126 15.90 -2.12 1.63
N ILE A 127 15.50 -3.39 1.73
CA ILE A 127 14.28 -3.72 2.45
C ILE A 127 14.50 -3.59 3.95
N PHE A 128 15.71 -3.90 4.43
CA PHE A 128 16.01 -3.73 5.84
C PHE A 128 15.84 -2.27 6.28
N ASP A 129 16.29 -1.33 5.45
CA ASP A 129 16.14 0.08 5.78
C ASP A 129 14.68 0.48 5.88
N MET A 130 13.83 -0.02 4.98
CA MET A 130 12.41 0.30 5.03
C MET A 130 11.77 -0.26 6.29
N LEU A 131 12.12 -1.50 6.65
CA LEU A 131 11.62 -2.09 7.89
C LEU A 131 12.10 -1.32 9.10
N LEU A 132 13.37 -0.89 9.09
CA LEU A 132 13.90 -0.11 10.21
C LEU A 132 13.19 1.24 10.32
N ALA A 133 12.96 1.91 9.19
CA ALA A 133 12.25 3.18 9.21
C ALA A 133 10.81 3.01 9.70
N THR A 134 10.19 1.88 9.39
CA THR A 134 8.85 1.62 9.89
C THR A 134 8.85 1.39 11.39
N SER A 135 9.89 0.72 11.90
CA SER A 135 10.00 0.51 13.34
C SER A 135 10.30 1.83 14.07
N SER A 136 11.19 2.64 13.50
CA SER A 136 11.44 3.96 14.06
C SER A 136 10.18 4.82 14.00
N ARG A 137 9.34 4.62 13.00
CA ARG A 137 8.06 5.31 12.94
C ARG A 137 7.11 4.81 14.02
N PHE A 138 7.03 3.49 14.20
CA PHE A 138 6.23 2.94 15.28
C PHE A 138 6.71 3.42 16.63
N ARG A 139 8.02 3.50 16.82
CA ARG A 139 8.58 4.00 18.08
C ARG A 139 8.30 5.49 18.25
N MET A 140 8.38 6.25 17.16
CA MET A 140 8.12 7.69 17.24
C MET A 140 6.66 7.96 17.59
N MET A 141 5.74 7.20 17.01
CA MET A 141 4.32 7.35 17.31
C MET A 141 3.93 6.79 18.67
N ASN A 142 4.83 6.04 19.33
CA ASN A 142 4.51 5.32 20.56
C ASN A 142 3.33 4.39 20.34
N LEU A 143 3.45 3.53 19.33
CA LEU A 143 2.37 2.63 18.97
C LEU A 143 2.06 1.67 20.11
N GLN A 144 0.77 1.44 20.35
CA GLN A 144 0.31 0.57 21.42
C GLN A 144 -0.05 -0.80 20.87
N GLY A 145 0.05 -1.81 21.73
CA GLY A 145 -0.27 -3.16 21.33
C GLY A 145 -1.72 -3.34 20.91
N GLU A 146 -2.62 -2.60 21.55
CA GLU A 146 -4.03 -2.64 21.15
C GLU A 146 -4.22 -2.09 19.74
N GLU A 147 -3.40 -1.12 19.34
CA GLU A 147 -3.47 -0.58 17.99
C GLU A 147 -2.78 -1.50 16.99
N PHE A 148 -1.69 -2.15 17.41
CA PHE A 148 -0.95 -3.02 16.50
C PHE A 148 -1.79 -4.21 16.07
N VAL A 149 -2.48 -4.85 17.02
CA VAL A 149 -3.30 -6.01 16.68
C VAL A 149 -4.48 -5.59 15.80
N CYS A 150 -4.95 -4.34 15.95
CA CYS A 150 -5.98 -3.84 15.04
C CYS A 150 -5.45 -3.68 13.64
N LEU A 151 -4.21 -3.18 13.49
CA LEU A 151 -3.64 -2.98 12.17
C LEU A 151 -3.40 -4.31 11.46
N LYS A 152 -2.97 -5.33 12.20
CA LYS A 152 -2.73 -6.64 11.60
C LYS A 152 -4.01 -7.22 11.00
N SER A 153 -5.10 -7.20 11.77
CA SER A 153 -6.36 -7.74 11.28
C SER A 153 -6.91 -6.92 10.12
N ILE A 154 -6.59 -5.61 10.09
CA ILE A 154 -6.98 -4.79 8.95
C ILE A 154 -6.24 -5.24 7.69
N ILE A 155 -4.93 -5.46 7.82
CA ILE A 155 -4.14 -5.94 6.69
C ILE A 155 -4.69 -7.25 6.16
N LEU A 156 -5.14 -8.14 7.07
CA LEU A 156 -5.65 -9.43 6.64
C LEU A 156 -6.90 -9.27 5.78
N LEU A 157 -7.81 -8.38 6.18
CA LEU A 157 -9.07 -8.19 5.48
C LEU A 157 -8.97 -7.23 4.30
N ASN A 158 -8.03 -6.29 4.33
CA ASN A 158 -8.00 -5.25 3.31
C ASN A 158 -7.05 -5.55 2.16
N SER A 159 -5.94 -6.24 2.43
CA SER A 159 -4.91 -6.41 1.40
C SER A 159 -5.39 -7.25 0.21
N GLY A 160 -6.45 -8.03 0.37
CA GLY A 160 -6.94 -8.85 -0.73
C GLY A 160 -8.40 -8.64 -1.03
N VAL A 161 -9.00 -7.59 -0.46
CA VAL A 161 -10.43 -7.36 -0.65
C VAL A 161 -10.75 -6.77 -2.02
N TYR A 162 -9.79 -6.10 -2.66
CA TYR A 162 -10.00 -5.51 -3.97
C TYR A 162 -9.39 -6.34 -5.09
N THR A 163 -8.84 -7.51 -4.78
CA THR A 163 -8.28 -8.41 -5.78
C THR A 163 -9.21 -9.59 -6.06
N PHE A 164 -10.50 -9.45 -5.79
CA PHE A 164 -11.47 -10.49 -6.08
C PHE A 164 -11.87 -10.48 -7.54
N THR A 168 -19.75 -14.94 -9.39
CA THR A 168 -21.01 -14.82 -8.66
C THR A 168 -21.26 -13.38 -8.23
N LEU A 169 -22.45 -12.86 -8.54
CA LEU A 169 -22.81 -11.53 -8.07
C LEU A 169 -22.97 -11.49 -6.56
N LYS A 170 -23.40 -12.61 -5.96
CA LYS A 170 -23.49 -12.71 -4.51
C LYS A 170 -22.13 -12.90 -3.84
N SER A 171 -21.08 -13.19 -4.61
CA SER A 171 -19.75 -13.26 -4.04
C SER A 171 -19.26 -11.91 -3.55
N LEU A 172 -19.82 -10.82 -4.06
CA LEU A 172 -19.52 -9.48 -3.56
C LEU A 172 -20.26 -9.16 -2.26
N GLU A 173 -21.24 -9.97 -1.88
CA GLU A 173 -21.91 -9.77 -0.59
C GLU A 173 -20.97 -10.07 0.56
N GLU A 174 -20.12 -11.09 0.41
CA GLU A 174 -19.07 -11.33 1.40
C GLU A 174 -18.01 -10.24 1.34
N LYS A 175 -17.75 -9.68 0.16
CA LYS A 175 -16.91 -8.49 0.06
C LYS A 175 -17.52 -7.32 0.81
N ASP A 176 -18.85 -7.23 0.85
CA ASP A 176 -19.50 -6.21 1.66
C ASP A 176 -19.42 -6.53 3.14
N HIS A 177 -19.37 -7.83 3.49
CA HIS A 177 -19.21 -8.20 4.90
C HIS A 177 -17.80 -7.89 5.40
N ILE A 178 -16.79 -7.99 4.53
CA ILE A 178 -15.43 -7.66 4.94
C ILE A 178 -15.32 -6.18 5.30
N HIS A 179 -15.98 -5.32 4.54
CA HIS A 179 -15.98 -3.89 4.85
C HIS A 179 -16.71 -3.60 6.15
N ARG A 180 -17.70 -4.42 6.50
CA ARG A 180 -18.39 -4.24 7.78
C ARG A 180 -17.45 -4.49 8.95
N VAL A 181 -16.59 -5.51 8.84
CA VAL A 181 -15.62 -5.77 9.90
C VAL A 181 -14.52 -4.71 9.87
N LEU A 182 -14.14 -4.26 8.67
CA LEU A 182 -13.14 -3.20 8.56
C LEU A 182 -13.60 -1.93 9.25
N ASP A 183 -14.86 -1.52 9.01
CA ASP A 183 -15.41 -0.37 9.73
C ASP A 183 -15.53 -0.66 11.21
N LYS A 184 -15.73 -1.92 11.59
CA LYS A 184 -15.82 -2.27 13.00
C LYS A 184 -14.47 -2.12 13.69
N ILE A 185 -13.40 -2.53 13.01
CA ILE A 185 -12.06 -2.35 13.58
C ILE A 185 -11.70 -0.87 13.62
N THR A 186 -12.18 -0.08 12.66
CA THR A 186 -11.93 1.36 12.69
C THR A 186 -12.56 1.99 13.92
N ASP A 187 -13.80 1.60 14.26
CA ASP A 187 -14.43 2.08 15.48
C ASP A 187 -13.61 1.69 16.70
N THR A 188 -12.99 0.50 16.68
CA THR A 188 -12.18 0.05 17.81
C THR A 188 -10.97 0.94 17.99
N LEU A 189 -10.29 1.28 16.89
CA LEU A 189 -9.13 2.17 16.98
C LEU A 189 -9.50 3.52 17.56
N ILE A 190 -10.64 4.08 17.14
CA ILE A 190 -11.07 5.38 17.65
C ILE A 190 -11.42 5.29 19.12
N HIS A 191 -12.03 4.18 19.54
CA HIS A 191 -12.33 4.00 20.96
C HIS A 191 -11.06 3.90 21.79
N LEU A 192 -10.03 3.25 21.25
CA LEU A 192 -8.75 3.17 21.96
C LEU A 192 -8.13 4.54 22.15
N MET A 193 -8.10 5.35 21.08
CA MET A 193 -7.47 6.66 21.16
C MET A 193 -8.23 7.61 22.05
N ALA A 194 -9.57 7.47 22.12
CA ALA A 194 -10.35 8.34 22.98
C ALA A 194 -10.04 8.08 24.46
N LYS A 195 -9.78 6.82 24.82
CA LYS A 195 -9.45 6.50 26.20
C LYS A 195 -8.06 7.02 26.57
N ALA A 196 -7.15 7.11 25.59
CA ALA A 196 -5.80 7.60 25.84
C ALA A 196 -5.72 9.12 25.97
N GLY A 197 -6.86 9.80 26.05
CA GLY A 197 -6.85 11.24 26.25
C GLY A 197 -6.58 12.06 25.01
N LEU A 198 -6.93 11.55 23.83
CA LEU A 198 -6.71 12.25 22.58
C LEU A 198 -8.00 12.92 22.12
N THR A 199 -7.89 14.17 21.70
CA THR A 199 -9.04 14.89 21.17
C THR A 199 -9.48 14.29 19.84
N LEU A 200 -10.70 14.66 19.42
CA LEU A 200 -11.22 14.17 18.15
C LEU A 200 -10.29 14.49 16.99
N GLN A 201 -9.67 15.67 17.02
CA GLN A 201 -8.70 16.02 15.99
C GLN A 201 -7.48 15.11 16.09
N GLN A 202 -7.00 14.83 17.30
CA GLN A 202 -5.88 13.92 17.48
C GLN A 202 -6.26 12.49 17.11
N GLN A 203 -7.52 12.11 17.34
CA GLN A 203 -7.97 10.76 16.99
C GLN A 203 -7.94 10.56 15.48
N HIS A 204 -8.44 11.54 14.72
CA HIS A 204 -8.44 11.43 13.26
C HIS A 204 -7.01 11.44 12.71
N GLN A 205 -6.15 12.28 13.27
CA GLN A 205 -4.77 12.37 12.78
C GLN A 205 -4.02 11.06 13.04
N ARG A 206 -4.10 10.55 14.27
CA ARG A 206 -3.42 9.29 14.59
C ARG A 206 -4.01 8.13 13.80
N LEU A 207 -5.34 8.12 13.63
CA LEU A 207 -5.96 7.11 12.78
C LEU A 207 -5.42 7.17 11.36
N ALA A 208 -5.23 8.37 10.83
CA ALA A 208 -4.68 8.53 9.49
C ALA A 208 -3.23 8.07 9.44
N GLN A 209 -2.43 8.49 10.41
CA GLN A 209 -1.01 8.13 10.42
C GLN A 209 -0.82 6.62 10.46
N LEU A 210 -1.65 5.92 11.24
CA LEU A 210 -1.52 4.46 11.33
C LEU A 210 -1.86 3.79 9.99
N LEU A 211 -2.93 4.24 9.33
CA LEU A 211 -3.33 3.61 8.08
C LEU A 211 -2.41 4.00 6.93
N LEU A 212 -1.75 5.17 7.02
CA LEU A 212 -0.79 5.54 6.00
C LEU A 212 0.44 4.64 6.04
N ILE A 213 0.80 4.13 7.22
CA ILE A 213 1.93 3.21 7.34
C ILE A 213 1.63 1.92 6.58
N LEU A 214 0.36 1.51 6.53
CA LEU A 214 -0.01 0.30 5.80
C LEU A 214 0.31 0.41 4.32
N SER A 215 0.43 1.63 3.78
CA SER A 215 0.87 1.79 2.41
C SER A 215 2.34 1.39 2.26
N HIS A 216 3.17 1.76 3.24
CA HIS A 216 4.57 1.37 3.20
C HIS A 216 4.73 -0.12 3.47
N ILE A 217 3.90 -0.69 4.34
CA ILE A 217 3.95 -2.11 4.61
C ILE A 217 3.62 -2.90 3.35
N ARG A 218 2.64 -2.41 2.57
CA ARG A 218 2.37 -3.03 1.28
C ARG A 218 3.56 -2.89 0.34
N HIS A 219 4.19 -1.72 0.33
CA HIS A 219 5.35 -1.50 -0.53
C HIS A 219 6.50 -2.43 -0.14
N MET A 220 6.75 -2.58 1.16
CA MET A 220 7.80 -3.50 1.61
C MET A 220 7.47 -4.94 1.25
N SER A 221 6.19 -5.31 1.34
CA SER A 221 5.79 -6.67 0.99
C SER A 221 6.00 -6.93 -0.49
N ASN A 222 5.61 -5.99 -1.35
CA ASN A 222 5.84 -6.15 -2.78
C ASN A 222 7.32 -6.22 -3.10
N LYS A 223 8.13 -5.38 -2.46
CA LYS A 223 9.58 -5.46 -2.65
C LYS A 223 10.14 -6.75 -2.10
N GLY A 224 9.67 -7.18 -0.92
CA GLY A 224 10.12 -8.43 -0.37
C GLY A 224 9.64 -9.64 -1.14
N MET A 225 8.44 -9.55 -1.73
CA MET A 225 7.92 -10.66 -2.51
C MET A 225 8.77 -10.89 -3.76
N GLU A 226 9.25 -9.81 -4.39
CA GLU A 226 10.12 -9.95 -5.55
C GLU A 226 11.49 -10.48 -5.14
N HIS A 227 11.95 -10.15 -3.93
CA HIS A 227 13.24 -10.65 -3.48
C HIS A 227 13.19 -12.15 -3.22
N LEU A 228 12.08 -12.64 -2.67
CA LEU A 228 11.92 -14.08 -2.47
C LEU A 228 11.84 -14.82 -3.79
N TYR A 229 11.22 -14.20 -4.80
CA TYR A 229 11.14 -14.83 -6.11
C TYR A 229 12.51 -14.90 -6.79
N SER A 230 13.36 -13.92 -6.53
CA SER A 230 14.68 -13.91 -7.15
C SER A 230 15.59 -14.99 -6.56
N MET A 231 15.58 -15.11 -5.23
CA MET A 231 16.42 -16.13 -4.60
C MET A 231 15.88 -17.55 -4.84
N LYS A 232 14.60 -17.68 -5.19
CA LYS A 232 14.07 -18.98 -5.58
C LYS A 232 14.66 -19.43 -6.90
N CYS A 233 14.61 -18.56 -7.92
CA CYS A 233 15.23 -18.86 -9.20
C CYS A 233 16.75 -18.95 -9.08
N LYS A 234 17.34 -18.36 -8.05
CA LYS A 234 18.77 -18.52 -7.82
C LYS A 234 19.11 -19.96 -7.46
N ASN A 235 18.15 -20.70 -6.89
CA ASN A 235 18.37 -22.07 -6.44
C ASN A 235 19.54 -22.15 -5.46
N VAL A 236 19.63 -21.16 -4.58
CA VAL A 236 20.65 -21.11 -3.54
C VAL A 236 20.05 -21.43 -2.17
N VAL A 237 18.86 -20.93 -1.89
CA VAL A 237 18.18 -21.21 -0.63
C VAL A 237 16.86 -21.91 -0.93
N PRO A 238 16.71 -23.18 -0.54
CA PRO A 238 15.46 -23.90 -0.84
C PRO A 238 14.30 -23.35 -0.01
N LEU A 239 13.20 -23.04 -0.70
CA LEU A 239 12.00 -22.56 -0.04
C LEU A 239 11.13 -23.74 0.39
N SER A 240 10.47 -23.58 1.53
CA SER A 240 9.57 -24.61 2.01
C SER A 240 8.37 -24.75 1.08
N ASP A 241 7.69 -25.89 1.19
CA ASP A 241 6.59 -26.20 0.28
C ASP A 241 5.42 -25.23 0.45
N LEU A 242 5.20 -24.74 1.67
CA LEU A 242 4.13 -23.76 1.88
C LEU A 242 4.53 -22.38 1.36
N LEU A 243 5.76 -21.95 1.64
CA LEU A 243 6.22 -20.66 1.15
C LEU A 243 6.23 -20.60 -0.36
N LEU A 244 6.50 -21.73 -1.02
CA LEU A 244 6.40 -21.77 -2.47
C LEU A 244 4.96 -21.55 -2.93
N GLU A 245 3.99 -22.12 -2.20
CA GLU A 245 2.59 -21.89 -2.53
C GLU A 245 2.22 -20.43 -2.32
N MET A 246 2.68 -19.84 -1.21
CA MET A 246 2.39 -18.43 -0.96
C MET A 246 3.11 -17.53 -1.95
N LEU A 247 4.29 -17.94 -2.42
CA LEU A 247 5.05 -17.11 -3.34
C LEU A 247 4.48 -17.18 -4.76
N ASP A 248 4.07 -18.37 -5.21
CA ASP A 248 3.50 -18.51 -6.54
C ASP A 248 2.18 -17.76 -6.69
N ALA A 249 1.49 -17.47 -5.59
CA ALA A 249 0.23 -16.75 -5.65
C ALA A 249 0.41 -15.28 -5.99
N HIS A 250 1.65 -14.76 -6.00
CA HIS A 250 1.92 -13.37 -6.31
C HIS A 250 2.55 -13.16 -7.67
N ARG A 251 2.70 -14.21 -8.48
CA ARG A 251 3.35 -14.07 -9.76
C ARG A 251 2.93 -15.20 -10.71
N LYS B 3 -3.46 -27.68 -2.19
CA LYS B 3 -2.76 -26.58 -1.54
C LYS B 3 -2.58 -26.83 -0.04
N ILE B 4 -1.38 -26.52 0.45
CA ILE B 4 -1.11 -26.64 1.88
C ILE B 4 -1.94 -25.62 2.66
N LEU B 5 -2.05 -24.40 2.13
CA LEU B 5 -2.89 -23.39 2.76
C LEU B 5 -4.34 -23.85 2.83
N HIS B 6 -4.76 -24.69 1.88
CA HIS B 6 -6.12 -25.23 1.91
C HIS B 6 -6.31 -26.16 3.11
N ARG B 7 -5.35 -27.06 3.32
CA ARG B 7 -5.49 -28.04 4.41
C ARG B 7 -5.47 -27.35 5.77
N LEU B 8 -4.46 -26.51 6.00
CA LEU B 8 -4.29 -25.91 7.32
C LEU B 8 -5.48 -25.03 7.69
N LEU B 9 -6.04 -24.31 6.72
CA LEU B 9 -7.27 -23.57 6.97
C LEU B 9 -8.45 -24.51 7.18
N GLN B 10 -8.47 -25.63 6.47
CA GLN B 10 -9.55 -26.61 6.57
C GLN B 10 -9.41 -27.54 7.76
N ASP B 11 -8.23 -27.58 8.39
CA ASP B 11 -7.98 -28.50 9.49
C ASP B 11 -8.83 -28.11 10.69
N SER B 12 -9.86 -28.91 10.98
CA SER B 12 -10.69 -28.68 12.15
C SER B 12 -10.16 -29.40 13.38
N SER B 13 -9.69 -30.64 13.22
CA SER B 13 -9.10 -31.40 14.31
C SER B 13 -8.20 -32.50 13.75
N ASN C 7 9.72 27.67 8.11
CA ASN C 7 8.30 27.52 8.38
C ASN C 7 7.47 27.72 7.11
N SER C 8 6.66 26.73 6.78
CA SER C 8 5.85 26.76 5.57
C SER C 8 4.57 27.56 5.81
N LEU C 9 3.73 27.62 4.78
CA LEU C 9 2.44 28.30 4.87
C LEU C 9 1.26 27.35 4.70
N ALA C 10 1.51 26.06 4.48
CA ALA C 10 0.42 25.10 4.34
C ALA C 10 -0.29 24.88 5.67
N LEU C 11 0.46 24.91 6.78
CA LEU C 11 -0.16 24.69 8.09
C LEU C 11 -1.07 25.84 8.50
N SER C 12 -0.87 27.04 7.94
CA SER C 12 -1.69 28.18 8.31
C SER C 12 -2.98 28.25 7.50
N LEU C 13 -3.07 27.53 6.39
CA LEU C 13 -4.24 27.60 5.52
C LEU C 13 -5.46 26.96 6.19
N THR C 14 -6.62 27.54 5.90
CA THR C 14 -7.88 26.96 6.37
C THR C 14 -8.19 25.69 5.58
N ALA C 15 -9.07 24.86 6.13
CA ALA C 15 -9.49 23.65 5.43
C ALA C 15 -10.13 23.98 4.09
N ASP C 16 -10.95 25.05 4.05
CA ASP C 16 -11.52 25.48 2.78
C ASP C 16 -10.46 26.09 1.88
N GLN C 17 -9.51 26.84 2.45
CA GLN C 17 -8.40 27.36 1.67
C GLN C 17 -7.48 26.24 1.20
N MET C 18 -7.43 25.12 1.95
CA MET C 18 -6.66 23.97 1.50
C MET C 18 -7.31 23.30 0.31
N VAL C 19 -8.65 23.17 0.33
CA VAL C 19 -9.37 22.55 -0.78
C VAL C 19 -9.25 23.41 -2.03
N SER C 20 -9.43 24.72 -1.88
CA SER C 20 -9.39 25.61 -3.04
C SER C 20 -8.01 25.61 -3.70
N ALA C 21 -6.95 25.57 -2.90
CA ALA C 21 -5.60 25.53 -3.46
C ALA C 21 -5.35 24.24 -4.21
N LEU C 22 -5.85 23.12 -3.69
CA LEU C 22 -5.68 21.84 -4.37
C LEU C 22 -6.52 21.76 -5.62
N LEU C 23 -7.77 22.24 -5.55
CA LEU C 23 -8.63 22.24 -6.73
C LEU C 23 -8.07 23.14 -7.83
N ASP C 24 -7.49 24.27 -7.46
CA ASP C 24 -6.94 25.19 -8.45
C ASP C 24 -5.63 24.68 -9.04
N ALA C 25 -4.98 23.72 -8.38
CA ALA C 25 -3.74 23.14 -8.86
C ALA C 25 -3.96 21.88 -9.69
N GLU C 26 -5.21 21.48 -9.90
CA GLU C 26 -5.49 20.23 -10.60
C GLU C 26 -4.89 20.26 -12.00
N PRO C 27 -4.15 19.23 -12.40
CA PRO C 27 -3.65 19.17 -13.77
C PRO C 27 -4.78 18.93 -14.75
N PRO C 28 -4.61 19.32 -16.01
CA PRO C 28 -5.68 19.10 -16.99
C PRO C 28 -5.76 17.64 -17.42
N ILE C 29 -6.91 17.32 -18.03
CA ILE C 29 -7.13 16.00 -18.60
C ILE C 29 -6.61 16.02 -20.03
N LEU C 30 -5.47 15.39 -20.26
CA LEU C 30 -4.83 15.40 -21.57
C LEU C 30 -5.51 14.42 -22.51
N TYR C 31 -5.24 14.59 -23.80
CA TYR C 31 -5.77 13.73 -24.84
C TYR C 31 -4.67 12.85 -25.41
N SER C 32 -5.08 11.70 -25.95
CA SER C 32 -4.17 10.82 -26.66
C SER C 32 -4.11 11.20 -28.13
N GLU C 33 -3.22 10.53 -28.86
CA GLU C 33 -3.10 10.79 -30.29
C GLU C 33 -4.36 10.33 -31.01
N TYR C 34 -4.78 11.10 -32.00
CA TYR C 34 -6.14 11.06 -32.53
C TYR C 34 -6.32 10.08 -33.69
N ASP C 35 -5.41 9.14 -33.89
CA ASP C 35 -5.59 8.15 -34.93
C ASP C 35 -6.63 7.12 -34.51
N PRO C 36 -7.77 7.00 -35.20
CA PRO C 36 -8.80 6.06 -34.75
C PRO C 36 -8.47 4.62 -35.10
N THR C 37 -7.85 3.90 -34.16
CA THR C 37 -7.53 2.48 -34.32
C THR C 37 -7.93 1.77 -33.03
N ARG C 38 -9.24 1.50 -32.90
CA ARG C 38 -9.74 0.82 -31.71
C ARG C 38 -9.05 -0.50 -31.42
N PRO C 39 -8.76 -1.37 -32.39
CA PRO C 39 -7.93 -2.55 -32.07
C PRO C 39 -6.47 -2.16 -31.93
N PHE C 40 -5.81 -2.73 -30.92
CA PHE C 40 -4.44 -2.39 -30.60
C PHE C 40 -3.58 -3.64 -30.54
N SER C 41 -2.29 -3.46 -30.86
CA SER C 41 -1.28 -4.45 -30.61
C SER C 41 -0.56 -4.13 -29.30
N GLU C 42 0.45 -4.92 -28.98
CA GLU C 42 1.19 -4.67 -27.74
C GLU C 42 2.00 -3.38 -27.83
N ALA C 43 2.67 -3.16 -28.96
CA ALA C 43 3.45 -1.94 -29.13
C ALA C 43 2.56 -0.72 -29.39
N SER C 44 1.40 -0.93 -30.02
CA SER C 44 0.52 0.20 -30.31
C SER C 44 -0.09 0.76 -29.02
N MET C 45 -0.55 -0.12 -28.14
CA MET C 45 -1.19 0.34 -26.91
C MET C 45 -0.17 0.95 -25.95
N MET C 46 0.98 0.31 -25.78
CA MET C 46 1.98 0.81 -24.86
C MET C 46 2.60 2.11 -25.35
N GLY C 47 2.71 2.29 -26.67
CA GLY C 47 3.24 3.53 -27.19
C GLY C 47 2.34 4.71 -26.90
N LEU C 48 1.02 4.50 -27.01
CA LEU C 48 0.08 5.57 -26.71
C LEU C 48 0.08 5.92 -25.22
N LEU C 49 0.11 4.90 -24.36
CA LEU C 49 0.12 5.16 -22.92
C LEU C 49 1.44 5.79 -22.48
N THR C 50 2.55 5.34 -23.08
CA THR C 50 3.84 5.94 -22.76
C THR C 50 3.90 7.41 -23.15
N ASN C 51 3.39 7.74 -24.35
CA ASN C 51 3.35 9.13 -24.78
C ASN C 51 2.44 9.94 -23.89
N LEU C 52 1.29 9.39 -23.52
CA LEU C 52 0.35 10.10 -22.64
C LEU C 52 0.96 10.29 -21.25
N ALA C 53 1.55 9.22 -20.69
CA ALA C 53 2.12 9.31 -19.34
C ALA C 53 3.29 10.29 -19.30
N ASP C 54 4.07 10.36 -20.38
CA ASP C 54 5.19 11.30 -20.42
C ASP C 54 4.70 12.74 -20.40
N ARG C 55 3.62 13.03 -21.13
CA ARG C 55 3.06 14.38 -21.10
C ARG C 55 2.32 14.65 -19.79
N GLU C 56 1.82 13.61 -19.13
CA GLU C 56 1.16 13.80 -17.84
C GLU C 56 2.17 14.09 -16.73
N LEU C 57 3.39 13.56 -16.85
CA LEU C 57 4.40 13.79 -15.83
C LEU C 57 4.76 15.27 -15.74
N VAL C 58 4.82 15.96 -16.88
CA VAL C 58 5.17 17.38 -16.88
C VAL C 58 4.13 18.18 -16.11
N HIS C 59 2.85 17.86 -16.28
CA HIS C 59 1.81 18.56 -15.53
C HIS C 59 1.82 18.14 -14.06
N MET C 60 2.12 16.88 -13.78
CA MET C 60 2.18 16.43 -12.39
C MET C 60 3.29 17.15 -11.63
N ILE C 61 4.44 17.35 -12.27
CA ILE C 61 5.54 18.04 -11.63
C ILE C 61 5.14 19.47 -11.27
N ASN C 62 4.41 20.14 -12.16
CA ASN C 62 3.92 21.48 -11.86
C ASN C 62 2.74 21.46 -10.90
N TRP C 63 1.94 20.38 -10.91
CA TRP C 63 0.90 20.23 -9.90
C TRP C 63 1.50 20.04 -8.52
N ALA C 64 2.60 19.29 -8.43
CA ALA C 64 3.23 19.05 -7.14
C ALA C 64 3.78 20.34 -6.55
N LYS C 65 4.35 21.21 -7.38
CA LYS C 65 4.87 22.49 -6.90
C LYS C 65 3.77 23.38 -6.35
N ARG C 66 2.53 23.18 -6.78
CA ARG C 66 1.39 23.96 -6.29
C ARG C 66 0.62 23.24 -5.19
N VAL C 67 1.17 22.17 -4.64
CA VAL C 67 0.58 21.49 -3.48
C VAL C 67 1.08 22.20 -2.24
N PRO C 68 0.20 22.64 -1.34
CA PRO C 68 0.63 23.42 -0.17
C PRO C 68 1.62 22.63 0.70
N GLY C 69 2.81 23.19 0.86
CA GLY C 69 3.86 22.60 1.66
C GLY C 69 4.92 21.88 0.87
N PHE C 70 4.64 21.53 -0.39
CA PHE C 70 5.61 20.78 -1.17
C PHE C 70 6.77 21.66 -1.61
N VAL C 71 6.49 22.91 -1.99
CA VAL C 71 7.56 23.82 -2.42
C VAL C 71 8.49 24.17 -1.26
N ASP C 72 8.03 24.04 -0.02
CA ASP C 72 8.85 24.32 1.14
C ASP C 72 9.81 23.18 1.48
N LEU C 73 9.85 22.14 0.66
CA LEU C 73 10.76 21.02 0.86
C LEU C 73 12.06 21.25 0.11
N THR C 74 13.08 20.48 0.50
CA THR C 74 14.34 20.49 -0.24
C THR C 74 14.11 19.95 -1.65
N LEU C 75 14.90 20.46 -2.59
CA LEU C 75 14.81 19.98 -3.97
C LEU C 75 15.02 18.47 -4.04
N HIS C 76 15.95 17.95 -3.23
CA HIS C 76 16.16 16.51 -3.18
C HIS C 76 14.94 15.80 -2.62
N ASP C 77 14.35 16.36 -1.56
CA ASP C 77 13.13 15.77 -1.00
C ASP C 77 11.97 15.85 -1.97
N GLN C 78 11.91 16.91 -2.78
CA GLN C 78 10.89 16.99 -3.81
C GLN C 78 11.09 15.92 -4.88
N VAL C 79 12.35 15.68 -5.26
CA VAL C 79 12.64 14.65 -6.25
C VAL C 79 12.29 13.27 -5.71
N HIS C 80 12.60 13.02 -4.45
CA HIS C 80 12.38 11.70 -3.87
C HIS C 80 10.89 11.36 -3.83
N LEU C 81 10.06 12.31 -3.41
CA LEU C 81 8.62 12.04 -3.29
C LEU C 81 8.00 11.79 -4.66
N LEU C 82 8.39 12.57 -5.67
CA LEU C 82 7.83 12.39 -7.01
C LEU C 82 8.31 11.07 -7.62
N GLU C 83 9.55 10.69 -7.36
CA GLU C 83 10.12 9.48 -7.96
C GLU C 83 9.45 8.19 -7.49
N CYS C 84 8.95 8.19 -6.26
CA CYS C 84 8.34 6.99 -5.69
CA CYS C 84 8.32 6.98 -5.73
C CYS C 84 6.81 6.97 -5.86
N ALA C 85 6.20 8.15 -5.99
CA ALA C 85 4.74 8.23 -6.05
C ALA C 85 4.18 8.54 -7.43
N TRP C 86 5.04 8.68 -8.45
CA TRP C 86 4.57 9.19 -9.73
C TRP C 86 3.56 8.24 -10.38
N LEU C 87 3.82 6.93 -10.32
CA LEU C 87 2.87 5.99 -10.91
C LEU C 87 1.61 5.85 -10.07
N GLU C 88 1.74 5.99 -8.75
CA GLU C 88 0.56 6.04 -7.89
C GLU C 88 -0.33 7.22 -8.24
N ILE C 89 0.27 8.40 -8.46
CA ILE C 89 -0.49 9.59 -8.78
C ILE C 89 -1.16 9.45 -10.14
N LEU C 90 -0.45 8.89 -11.12
CA LEU C 90 -1.05 8.64 -12.43
C LEU C 90 -2.22 7.65 -12.32
N MET C 91 -2.05 6.60 -11.51
CA MET C 91 -3.08 5.57 -11.43
C MET C 91 -4.32 6.08 -10.71
N ILE C 92 -4.15 6.80 -9.59
CA ILE C 92 -5.32 7.32 -8.89
C ILE C 92 -6.03 8.36 -9.74
N GLY C 93 -5.31 9.05 -10.63
CA GLY C 93 -5.96 9.93 -11.58
C GLY C 93 -6.70 9.15 -12.65
N LEU C 94 -6.08 8.09 -13.17
CA LEU C 94 -6.76 7.22 -14.12
C LEU C 94 -8.02 6.60 -13.50
N VAL C 95 -7.91 6.15 -12.25
CA VAL C 95 -9.05 5.54 -11.57
C VAL C 95 -10.16 6.57 -11.37
N TRP C 96 -9.80 7.81 -11.05
CA TRP C 96 -10.81 8.84 -10.81
C TRP C 96 -11.54 9.22 -12.10
N ARG C 97 -10.82 9.32 -13.22
CA ARG C 97 -11.46 9.67 -14.48
C ARG C 97 -12.39 8.56 -14.96
N SER C 98 -12.09 7.31 -14.62
CA SER C 98 -12.87 6.17 -15.05
C SER C 98 -14.05 5.87 -14.12
N MET C 99 -14.43 6.82 -13.26
CA MET C 99 -15.44 6.53 -12.24
C MET C 99 -16.80 6.31 -12.86
N GLU C 100 -17.28 7.30 -13.63
CA GLU C 100 -18.54 7.17 -14.36
C GLU C 100 -18.36 6.42 -15.68
N HIS C 101 -17.36 5.55 -15.80
CA HIS C 101 -17.21 4.66 -16.95
C HIS C 101 -16.92 3.25 -16.47
N PRO C 102 -17.93 2.55 -15.94
CA PRO C 102 -17.70 1.21 -15.40
C PRO C 102 -17.24 0.24 -16.47
N GLY C 103 -16.31 -0.64 -16.11
CA GLY C 103 -15.69 -1.56 -17.03
C GLY C 103 -14.71 -0.94 -18.00
N LYS C 104 -14.65 0.38 -18.08
CA LYS C 104 -13.74 1.08 -18.97
C LYS C 104 -12.69 1.85 -18.16
N LEU C 105 -11.53 2.05 -18.77
CA LEU C 105 -10.46 2.86 -18.19
C LEU C 105 -10.27 4.09 -19.07
N LEU C 106 -10.69 5.25 -18.57
CA LEU C 106 -10.58 6.49 -19.32
C LEU C 106 -9.16 7.04 -19.13
N PHE C 107 -8.24 6.51 -19.93
CA PHE C 107 -6.89 7.07 -19.97
C PHE C 107 -6.92 8.49 -20.52
N ALA C 108 -7.77 8.73 -21.51
CA ALA C 108 -7.99 10.04 -22.10
C ALA C 108 -9.42 10.09 -22.63
N PRO C 109 -9.98 11.29 -22.82
CA PRO C 109 -11.33 11.36 -23.36
C PRO C 109 -11.49 10.67 -24.70
N ASN C 110 -10.42 10.50 -25.46
CA ASN C 110 -10.42 9.78 -26.73
C ASN C 110 -9.71 8.44 -26.63
N LEU C 111 -9.60 7.86 -25.43
CA LEU C 111 -8.88 6.61 -25.24
C LEU C 111 -9.49 5.88 -24.04
N LEU C 112 -10.55 5.12 -24.31
CA LEU C 112 -11.19 4.26 -23.32
C LEU C 112 -10.85 2.81 -23.63
N LEU C 113 -10.32 2.10 -22.63
CA LEU C 113 -9.91 0.72 -22.78
C LEU C 113 -10.67 -0.16 -21.80
N ASP C 114 -11.00 -1.37 -22.25
CA ASP C 114 -11.68 -2.37 -21.42
C ASP C 114 -10.71 -3.48 -21.06
N ARG C 115 -11.24 -4.52 -20.40
CA ARG C 115 -10.41 -5.65 -19.99
C ARG C 115 -9.78 -6.34 -21.19
N ASN C 116 -10.56 -6.50 -22.27
CA ASN C 116 -10.05 -7.18 -23.46
C ASN C 116 -8.90 -6.40 -24.11
N GLN C 117 -8.89 -5.08 -23.94
CA GLN C 117 -7.79 -4.28 -24.46
C GLN C 117 -6.49 -4.60 -23.73
N GLY C 118 -6.55 -4.72 -22.40
CA GLY C 118 -5.37 -5.05 -21.62
C GLY C 118 -4.79 -6.42 -21.89
N LYS C 119 -5.52 -7.27 -22.60
CA LYS C 119 -5.04 -8.61 -22.92
C LYS C 119 -4.05 -8.59 -24.08
N CYS C 120 -4.02 -7.48 -24.81
CA CYS C 120 -3.07 -7.30 -25.90
C CYS C 120 -1.65 -7.05 -25.40
N VAL C 121 -1.52 -6.75 -24.11
CA VAL C 121 -0.22 -6.68 -23.47
C VAL C 121 -0.18 -7.70 -22.34
N GLU C 122 0.74 -8.65 -22.44
CA GLU C 122 0.79 -9.75 -21.48
C GLU C 122 1.10 -9.24 -20.08
N GLY C 123 0.33 -9.72 -19.11
CA GLY C 123 0.50 -9.33 -17.73
C GLY C 123 -0.19 -8.04 -17.34
N MET C 124 -0.71 -7.27 -18.29
CA MET C 124 -1.35 -6.00 -18.00
C MET C 124 -2.84 -6.13 -17.74
N VAL C 125 -3.47 -7.21 -18.20
CA VAL C 125 -4.89 -7.40 -17.93
C VAL C 125 -5.13 -7.62 -16.44
N GLU C 126 -4.14 -8.16 -15.72
CA GLU C 126 -4.27 -8.32 -14.28
C GLU C 126 -4.29 -6.97 -13.57
N ILE C 127 -3.46 -6.04 -14.03
CA ILE C 127 -3.47 -4.70 -13.44
C ILE C 127 -4.73 -3.94 -13.87
N PHE C 128 -5.27 -4.27 -15.04
CA PHE C 128 -6.51 -3.65 -15.49
C PHE C 128 -7.66 -3.95 -14.52
N ASP C 129 -7.77 -5.20 -14.08
CA ASP C 129 -8.83 -5.57 -13.15
C ASP C 129 -8.69 -4.83 -11.83
N MET C 130 -7.46 -4.68 -11.34
CA MET C 130 -7.24 -3.95 -10.09
C MET C 130 -7.65 -2.49 -10.24
N LEU C 131 -7.28 -1.86 -11.36
CA LEU C 131 -7.66 -0.46 -11.59
C LEU C 131 -9.17 -0.32 -11.72
N LEU C 132 -9.80 -1.22 -12.47
CA LEU C 132 -11.26 -1.17 -12.61
C LEU C 132 -11.96 -1.44 -11.29
N ALA C 133 -11.38 -2.30 -10.44
CA ALA C 133 -11.97 -2.55 -9.13
C ALA C 133 -11.86 -1.33 -8.23
N THR C 134 -10.74 -0.62 -8.30
CA THR C 134 -10.59 0.60 -7.51
C THR C 134 -11.55 1.69 -7.99
N SER C 135 -11.79 1.76 -9.30
CA SER C 135 -12.73 2.74 -9.83
C SER C 135 -14.15 2.42 -9.38
N SER C 136 -14.54 1.15 -9.42
CA SER C 136 -15.84 0.76 -8.90
C SER C 136 -15.94 1.01 -7.41
N ARG C 137 -14.81 0.91 -6.69
CA ARG C 137 -14.82 1.20 -5.26
C ARG C 137 -15.00 2.69 -5.00
N PHE C 138 -14.35 3.54 -5.81
CA PHE C 138 -14.57 4.98 -5.68
C PHE C 138 -16.02 5.34 -6.01
N ARG C 139 -16.60 4.68 -7.01
CA ARG C 139 -17.98 4.94 -7.37
C ARG C 139 -18.94 4.50 -6.26
N MET C 140 -18.62 3.38 -5.60
CA MET C 140 -19.49 2.90 -4.53
C MET C 140 -19.48 3.85 -3.33
N MET C 141 -18.33 4.44 -3.03
CA MET C 141 -18.21 5.36 -1.91
C MET C 141 -18.67 6.77 -2.24
N ASN C 142 -19.05 7.04 -3.49
CA ASN C 142 -19.40 8.39 -3.95
C ASN C 142 -18.26 9.36 -3.66
N LEU C 143 -17.07 9.02 -4.15
CA LEU C 143 -15.90 9.84 -3.92
C LEU C 143 -16.08 11.22 -4.53
N GLN C 144 -15.96 12.25 -3.71
CA GLN C 144 -16.06 13.63 -4.18
C GLN C 144 -14.73 14.13 -4.70
N GLY C 145 -14.79 15.08 -5.63
CA GLY C 145 -13.56 15.66 -6.17
C GLY C 145 -12.70 16.32 -5.11
N GLU C 146 -13.32 16.89 -4.08
CA GLU C 146 -12.56 17.46 -2.98
C GLU C 146 -11.84 16.39 -2.19
N GLU C 147 -12.44 15.20 -2.08
CA GLU C 147 -11.75 14.09 -1.43
C GLU C 147 -10.64 13.53 -2.31
N PHE C 148 -10.82 13.56 -3.63
CA PHE C 148 -9.84 12.99 -4.53
C PHE C 148 -8.55 13.80 -4.55
N VAL C 149 -8.66 15.13 -4.58
CA VAL C 149 -7.46 15.96 -4.57
C VAL C 149 -6.71 15.84 -3.25
N CYS C 150 -7.41 15.57 -2.16
CA CYS C 150 -6.73 15.33 -0.90
C CYS C 150 -5.97 14.01 -0.94
N LEU C 151 -6.57 12.96 -1.51
CA LEU C 151 -5.91 11.67 -1.59
C LEU C 151 -4.67 11.73 -2.48
N LYS C 152 -4.71 12.51 -3.55
CA LYS C 152 -3.55 12.63 -4.42
C LYS C 152 -2.38 13.28 -3.69
N SER C 153 -2.64 14.39 -3.01
CA SER C 153 -1.58 15.07 -2.27
C SER C 153 -1.06 14.21 -1.12
N ILE C 154 -1.92 13.40 -0.51
CA ILE C 154 -1.47 12.47 0.53
C ILE C 154 -0.50 11.46 -0.06
N ILE C 155 -0.83 10.90 -1.22
CA ILE C 155 0.06 9.95 -1.89
C ILE C 155 1.41 10.59 -2.16
N LEU C 156 1.40 11.85 -2.64
CA LEU C 156 2.64 12.53 -2.98
C LEU C 156 3.57 12.68 -1.77
N LEU C 157 3.01 13.03 -0.62
CA LEU C 157 3.81 13.33 0.56
C LEU C 157 4.09 12.12 1.42
N ASN C 158 3.30 11.05 1.31
CA ASN C 158 3.43 9.90 2.19
C ASN C 158 4.18 8.73 1.58
N SER C 159 4.06 8.51 0.26
CA SER C 159 4.59 7.30 -0.34
C SER C 159 6.11 7.19 -0.20
N GLY C 160 6.80 8.32 -0.08
CA GLY C 160 8.24 8.29 0.04
C GLY C 160 8.78 8.93 1.30
N VAL C 161 7.93 9.12 2.30
CA VAL C 161 8.36 9.79 3.52
C VAL C 161 9.18 8.89 4.42
N TYR C 162 9.06 7.56 4.27
CA TYR C 162 9.85 6.63 5.09
C TYR C 162 11.06 6.07 4.34
N THR C 163 11.19 6.35 3.05
CA THR C 163 12.35 5.93 2.28
C THR C 163 13.48 6.95 2.31
N PHE C 164 13.44 7.89 3.26
CA PHE C 164 14.50 8.88 3.41
C PHE C 164 15.77 8.24 3.96
N LYS C 175 11.16 15.56 7.38
CA LYS C 175 10.26 14.46 7.68
C LYS C 175 9.17 14.89 8.64
N ASP C 176 9.53 15.72 9.63
CA ASP C 176 8.55 16.18 10.60
C ASP C 176 7.58 17.17 9.96
N HIS C 177 8.07 18.04 9.09
CA HIS C 177 7.18 18.98 8.40
C HIS C 177 6.23 18.26 7.45
N ILE C 178 6.66 17.15 6.87
CA ILE C 178 5.79 16.40 5.96
C ILE C 178 4.60 15.81 6.72
N HIS C 179 4.87 15.24 7.91
CA HIS C 179 3.78 14.71 8.72
C HIS C 179 2.87 15.82 9.22
N ARG C 180 3.39 17.03 9.40
CA ARG C 180 2.54 18.14 9.81
C ARG C 180 1.58 18.51 8.68
N VAL C 181 2.02 18.42 7.44
CA VAL C 181 1.12 18.69 6.31
C VAL C 181 0.16 17.52 6.11
N LEU C 182 0.64 16.29 6.32
CA LEU C 182 -0.23 15.13 6.21
C LEU C 182 -1.36 15.18 7.24
N ASP C 183 -1.05 15.67 8.44
CA ASP C 183 -2.11 15.89 9.42
C ASP C 183 -3.04 17.01 9.00
N LYS C 184 -2.51 18.03 8.30
CA LYS C 184 -3.36 19.11 7.83
C LYS C 184 -4.34 18.64 6.77
N ILE C 185 -3.90 17.74 5.89
CA ILE C 185 -4.81 17.17 4.89
C ILE C 185 -5.83 16.26 5.56
N THR C 186 -5.44 15.59 6.64
CA THR C 186 -6.40 14.80 7.41
C THR C 186 -7.50 15.68 7.98
N ASP C 187 -7.11 16.81 8.58
CA ASP C 187 -8.10 17.77 9.05
C ASP C 187 -8.96 18.28 7.90
N THR C 188 -8.37 18.43 6.72
CA THR C 188 -9.12 18.89 5.56
C THR C 188 -10.10 17.83 5.09
N LEU C 189 -9.70 16.55 5.12
CA LEU C 189 -10.61 15.48 4.74
C LEU C 189 -11.78 15.37 5.70
N ILE C 190 -11.52 15.51 7.00
CA ILE C 190 -12.61 15.48 7.98
C ILE C 190 -13.54 16.67 7.79
N HIS C 191 -12.98 17.83 7.44
CA HIS C 191 -13.79 19.01 7.21
C HIS C 191 -14.82 18.79 6.11
N LEU C 192 -14.40 18.11 5.04
CA LEU C 192 -15.31 17.86 3.93
C LEU C 192 -16.43 16.91 4.33
N MET C 193 -16.11 15.86 5.08
CA MET C 193 -17.11 14.88 5.48
C MET C 193 -18.10 15.48 6.48
N ALA C 194 -17.62 16.33 7.39
CA ALA C 194 -18.53 16.98 8.33
C ALA C 194 -19.43 17.98 7.63
N LYS C 195 -18.97 18.56 6.51
CA LYS C 195 -19.80 19.47 5.74
C LYS C 195 -20.87 18.73 4.94
N ALA C 196 -20.61 17.49 4.54
CA ALA C 196 -21.57 16.69 3.79
C ALA C 196 -22.67 16.11 4.66
N GLY C 197 -22.61 16.32 5.98
CA GLY C 197 -23.64 15.84 6.88
C GLY C 197 -23.33 14.53 7.58
N LEU C 198 -22.19 13.92 7.30
CA LEU C 198 -21.84 12.65 7.93
C LEU C 198 -21.58 12.85 9.43
N THR C 199 -22.03 11.89 10.22
CA THR C 199 -21.84 11.94 11.66
C THR C 199 -20.37 11.67 12.01
N LEU C 200 -20.05 11.86 13.29
CA LEU C 200 -18.68 11.63 13.75
C LEU C 200 -18.24 10.19 13.49
N GLN C 201 -19.12 9.22 13.76
CA GLN C 201 -18.77 7.84 13.49
C GLN C 201 -18.59 7.59 11.99
N GLN C 202 -19.41 8.24 11.16
CA GLN C 202 -19.28 8.09 9.72
C GLN C 202 -18.06 8.82 9.18
N GLN C 203 -17.52 9.79 9.91
CA GLN C 203 -16.36 10.54 9.42
C GLN C 203 -15.11 9.67 9.45
N HIS C 204 -14.72 9.17 10.63
CA HIS C 204 -13.51 8.37 10.73
C HIS C 204 -13.67 7.01 10.07
N GLN C 205 -14.90 6.54 9.85
CA GLN C 205 -15.09 5.32 9.08
C GLN C 205 -14.84 5.56 7.60
N ARG C 206 -15.37 6.66 7.05
CA ARG C 206 -15.09 6.98 5.65
C ARG C 206 -13.64 7.37 5.46
N LEU C 207 -13.05 8.06 6.44
CA LEU C 207 -11.62 8.38 6.38
C LEU C 207 -10.78 7.12 6.30
N ALA C 208 -11.13 6.11 7.10
CA ALA C 208 -10.37 4.85 7.09
C ALA C 208 -10.50 4.14 5.75
N GLN C 209 -11.73 4.08 5.21
CA GLN C 209 -11.93 3.40 3.93
C GLN C 209 -11.14 4.06 2.82
N LEU C 210 -11.11 5.39 2.79
CA LEU C 210 -10.35 6.09 1.76
C LEU C 210 -8.86 5.80 1.87
N LEU C 211 -8.32 5.85 3.09
CA LEU C 211 -6.89 5.64 3.27
C LEU C 211 -6.50 4.18 3.02
N LEU C 212 -7.42 3.24 3.26
CA LEU C 212 -7.12 1.84 2.97
C LEU C 212 -6.99 1.59 1.48
N ILE C 213 -7.72 2.35 0.66
CA ILE C 213 -7.60 2.21 -0.79
C ILE C 213 -6.20 2.61 -1.26
N LEU C 214 -5.55 3.52 -0.54
CA LEU C 214 -4.19 3.92 -0.91
C LEU C 214 -3.21 2.76 -0.84
N SER C 215 -3.50 1.75 0.00
CA SER C 215 -2.66 0.57 0.06
C SER C 215 -2.75 -0.23 -1.24
N HIS C 216 -3.93 -0.27 -1.85
CA HIS C 216 -4.07 -0.97 -3.12
C HIS C 216 -3.45 -0.18 -4.27
N ILE C 217 -3.55 1.15 -4.22
CA ILE C 217 -2.91 1.99 -5.22
C ILE C 217 -1.41 1.79 -5.22
N ARG C 218 -0.82 1.69 -4.02
CA ARG C 218 0.60 1.35 -3.92
C ARG C 218 0.86 -0.03 -4.52
N HIS C 219 -0.02 -0.99 -4.25
CA HIS C 219 0.15 -2.33 -4.81
C HIS C 219 0.09 -2.30 -6.34
N MET C 220 -0.90 -1.61 -6.90
CA MET C 220 -1.00 -1.51 -8.34
C MET C 220 0.21 -0.80 -8.95
N SER C 221 0.77 0.17 -8.23
CA SER C 221 1.95 0.89 -8.73
C SER C 221 3.15 -0.05 -8.81
N ASN C 222 3.39 -0.82 -7.75
CA ASN C 222 4.50 -1.77 -7.76
C ASN C 222 4.32 -2.80 -8.86
N LYS C 223 3.10 -3.29 -9.05
CA LYS C 223 2.83 -4.22 -10.15
C LYS C 223 3.02 -3.54 -11.50
N GLY C 224 2.54 -2.30 -11.64
CA GLY C 224 2.75 -1.57 -12.86
C GLY C 224 4.21 -1.22 -13.10
N MET C 225 4.95 -0.95 -12.02
CA MET C 225 6.37 -0.63 -12.16
C MET C 225 7.15 -1.80 -12.73
N GLU C 226 6.87 -3.02 -12.25
CA GLU C 226 7.49 -4.20 -12.82
C GLU C 226 7.07 -4.41 -14.26
N HIS C 227 5.83 -4.07 -14.60
CA HIS C 227 5.36 -4.22 -15.97
C HIS C 227 6.12 -3.28 -16.91
N LEU C 228 6.39 -2.07 -16.47
CA LEU C 228 7.19 -1.15 -17.28
C LEU C 228 8.64 -1.58 -17.35
N TYR C 229 9.17 -2.17 -16.28
CA TYR C 229 10.52 -2.71 -16.30
C TYR C 229 10.63 -3.88 -17.28
N SER C 230 9.56 -4.65 -17.44
CA SER C 230 9.55 -5.71 -18.44
C SER C 230 9.50 -5.14 -19.85
N MET C 231 8.74 -4.05 -20.04
CA MET C 231 8.67 -3.44 -21.36
C MET C 231 9.99 -2.80 -21.77
N LYS C 232 10.74 -2.28 -20.80
CA LYS C 232 12.05 -1.70 -21.07
C LYS C 232 13.03 -2.77 -21.55
N CYS C 233 12.99 -3.92 -20.89
CA CYS C 233 13.87 -5.04 -21.25
C CYS C 233 13.49 -5.64 -22.60
N LYS C 234 12.22 -5.52 -22.98
CA LYS C 234 11.78 -5.94 -24.30
C LYS C 234 12.34 -4.98 -25.34
N ASN C 235 12.48 -3.72 -24.94
CA ASN C 235 13.09 -2.68 -25.77
C ASN C 235 12.37 -2.51 -27.10
N VAL C 236 11.05 -2.70 -27.12
CA VAL C 236 10.26 -2.51 -28.33
C VAL C 236 9.67 -1.11 -28.30
N VAL C 237 8.93 -0.80 -27.24
CA VAL C 237 8.34 0.53 -27.07
C VAL C 237 9.39 1.45 -26.46
N PRO C 238 9.86 2.46 -27.19
CA PRO C 238 10.92 3.34 -26.64
C PRO C 238 10.37 4.26 -25.57
N LEU C 239 10.98 4.21 -24.39
CA LEU C 239 10.58 5.08 -23.30
C LEU C 239 11.27 6.44 -23.43
N SER C 240 10.62 7.47 -22.89
CA SER C 240 11.22 8.79 -22.86
C SER C 240 12.32 8.86 -21.81
N ASP C 241 13.19 9.86 -21.95
CA ASP C 241 14.27 10.03 -20.99
C ASP C 241 13.72 10.33 -19.59
N LEU C 242 12.65 11.12 -19.52
CA LEU C 242 12.04 11.41 -18.22
C LEU C 242 11.42 10.16 -17.61
N LEU C 243 10.75 9.34 -18.42
CA LEU C 243 10.18 8.10 -17.91
C LEU C 243 11.26 7.14 -17.44
N LEU C 244 12.38 7.08 -18.16
CA LEU C 244 13.48 6.22 -17.74
C LEU C 244 14.08 6.68 -16.41
N GLU C 245 14.06 7.98 -16.15
CA GLU C 245 14.55 8.48 -14.86
C GLU C 245 13.60 8.11 -13.73
N MET C 246 12.29 8.31 -13.95
CA MET C 246 11.33 7.91 -12.94
C MET C 246 11.29 6.41 -12.74
N LEU C 247 11.62 5.65 -13.80
CA LEU C 247 11.59 4.19 -13.70
C LEU C 247 12.86 3.66 -13.02
N ASP C 248 14.02 4.25 -13.31
CA ASP C 248 15.27 3.80 -12.70
C ASP C 248 15.32 4.06 -11.21
N ALA C 249 14.51 4.99 -10.70
CA ALA C 249 14.50 5.30 -9.28
C ALA C 249 13.88 4.19 -8.44
N HIS C 250 13.36 3.13 -9.05
CA HIS C 250 12.78 2.01 -8.33
C HIS C 250 13.63 0.75 -8.42
N ARG C 251 14.66 0.72 -9.26
CA ARG C 251 15.55 -0.43 -9.41
C ARG C 251 14.80 -1.72 -9.73
N HIS D 2 22.95 14.65 -12.46
CA HIS D 2 22.06 15.37 -13.36
C HIS D 2 20.80 14.57 -13.65
N LYS D 3 19.64 15.16 -13.33
CA LYS D 3 18.35 14.56 -13.61
C LYS D 3 17.45 15.58 -14.28
N ILE D 4 16.65 15.10 -15.23
CA ILE D 4 15.65 15.97 -15.86
C ILE D 4 14.64 16.44 -14.83
N LEU D 5 14.33 15.59 -13.85
CA LEU D 5 13.37 15.95 -12.80
C LEU D 5 13.85 17.16 -12.01
N HIS D 6 15.17 17.33 -11.85
CA HIS D 6 15.70 18.51 -11.20
C HIS D 6 15.31 19.78 -11.95
N ARG D 7 15.50 19.77 -13.27
CA ARG D 7 15.23 20.97 -14.07
C ARG D 7 13.74 21.30 -14.09
N LEU D 8 12.89 20.28 -14.21
CA LEU D 8 11.44 20.52 -14.28
C LEU D 8 10.88 21.03 -12.96
N LEU D 9 11.57 20.80 -11.84
CA LEU D 9 11.14 21.32 -10.55
C LEU D 9 11.64 22.73 -10.29
N GLN D 10 12.75 23.13 -10.90
CA GLN D 10 13.27 24.48 -10.74
C GLN D 10 12.66 25.46 -11.72
N ASP D 11 12.26 25.00 -12.91
CA ASP D 11 11.67 25.86 -13.92
C ASP D 11 10.16 25.94 -13.76
#